data_7DG0
#
_entry.id   7DG0
#
_cell.length_a   41.057
_cell.length_b   68.683
_cell.length_c   113.353
_cell.angle_alpha   90.000
_cell.angle_beta   90.000
_cell.angle_gamma   90.000
#
_symmetry.space_group_name_H-M   'P 21 21 21'
#
loop_
_entity.id
_entity.type
_entity.pdbx_description
1 polymer 'DAC domain-containing protein'
2 non-polymer "ADENOSINE-5'-TRIPHOSPHATE"
3 non-polymer "ADENOSINE-5'-DIPHOSPHATE"
4 water water
#
_entity_poly.entity_id   1
_entity_poly.type   'polypeptide(L)'
_entity_poly.pdbx_seq_one_letter_code
;KNKVNRSFVDLGISTQRKIVYELYFAVKYLSKNKVGAIITLQRNILLDSLRTDGVKIDSLINSSLLIAIFQKSSPLHDGA
VIIVDDRILYASTYFSVSESTLEDRYGARHRAALGISEVSDSITVVVSEQSGEVVIVRDANFFKVTNLETFTEVLTKELN
SSQTNTAKKHHHHHH
;
_entity_poly.pdbx_strand_id   A,B
#
loop_
_chem_comp.id
_chem_comp.type
_chem_comp.name
_chem_comp.formula
ADP non-polymer ADENOSINE-5'-DIPHOSPHATE 'C10 H15 N5 O10 P2'
ATP non-polymer ADENOSINE-5'-TRIPHOSPHATE 'C10 H16 N5 O13 P3'
#
# COMPACT_ATOMS: atom_id res chain seq x y z
N SER A 7 20.62 -7.25 -5.61
CA SER A 7 19.54 -8.16 -5.26
C SER A 7 19.63 -8.59 -3.79
N PHE A 8 18.83 -9.61 -3.43
CA PHE A 8 18.67 -10.01 -2.04
C PHE A 8 20.01 -10.34 -1.39
N VAL A 9 20.83 -11.14 -2.07
CA VAL A 9 22.08 -11.61 -1.47
C VAL A 9 23.07 -10.47 -1.28
N ASP A 10 22.89 -9.35 -1.98
CA ASP A 10 23.76 -8.20 -1.82
C ASP A 10 23.44 -7.39 -0.57
N LEU A 11 22.24 -7.54 -0.02
CA LEU A 11 21.83 -6.80 1.16
C LEU A 11 22.49 -7.39 2.40
N GLY A 12 22.57 -6.58 3.46
CA GLY A 12 23.08 -7.08 4.71
C GLY A 12 22.20 -8.17 5.30
N ILE A 13 22.80 -8.99 6.18
CA ILE A 13 22.04 -10.10 6.74
C ILE A 13 20.88 -9.61 7.60
N SER A 14 21.04 -8.47 8.26
CA SER A 14 19.93 -7.92 9.03
C SER A 14 18.77 -7.48 8.13
N THR A 15 19.07 -6.79 7.02
CA THR A 15 18.03 -6.41 6.08
C THR A 15 17.35 -7.64 5.50
N GLN A 16 18.15 -8.66 5.17
CA GLN A 16 17.59 -9.92 4.67
C GLN A 16 16.62 -10.54 5.67
N ARG A 17 17.02 -10.58 6.95
CA ARG A 17 16.18 -11.18 7.98
C ARG A 17 14.88 -10.41 8.15
N LYS A 18 14.95 -9.07 8.08
CA LYS A 18 13.75 -8.25 8.22
CA LYS A 18 13.74 -8.25 8.22
C LYS A 18 12.78 -8.48 7.07
N ILE A 19 13.28 -8.53 5.84
CA ILE A 19 12.42 -8.76 4.68
C ILE A 19 11.69 -10.10 4.81
N VAL A 20 12.44 -11.16 5.11
CA VAL A 20 11.83 -12.49 5.20
C VAL A 20 10.77 -12.52 6.30
N TYR A 21 11.02 -11.84 7.42
CA TYR A 21 10.01 -11.84 8.48
C TYR A 21 8.73 -11.14 8.04
N GLU A 22 8.86 -9.99 7.36
CA GLU A 22 7.66 -9.31 6.87
C GLU A 22 6.90 -10.18 5.88
N LEU A 23 7.63 -10.89 5.00
CA LEU A 23 6.98 -11.84 4.11
C LEU A 23 6.29 -12.94 4.89
N TYR A 24 6.98 -13.49 5.90
CA TYR A 24 6.41 -14.58 6.67
C TYR A 24 5.13 -14.15 7.37
N PHE A 25 5.13 -12.95 7.97
CA PHE A 25 3.95 -12.49 8.67
C PHE A 25 2.79 -12.24 7.71
N ALA A 26 3.09 -11.68 6.54
CA ALA A 26 2.04 -11.48 5.54
C ALA A 26 1.51 -12.81 5.05
N VAL A 27 2.40 -13.75 4.75
CA VAL A 27 1.98 -15.03 4.18
C VAL A 27 1.18 -15.84 5.18
N LYS A 28 1.58 -15.80 6.46
CA LYS A 28 0.80 -16.46 7.51
C LYS A 28 -0.64 -15.97 7.51
N TYR A 29 -0.83 -14.65 7.47
CA TYR A 29 -2.17 -14.06 7.45
C TYR A 29 -2.92 -14.46 6.20
N LEU A 30 -2.28 -14.32 5.03
CA LEU A 30 -2.97 -14.58 3.78
C LEU A 30 -3.39 -16.04 3.66
N SER A 31 -2.51 -16.95 4.09
CA SER A 31 -2.84 -18.37 4.05
C SER A 31 -3.97 -18.69 5.02
N LYS A 32 -3.86 -18.19 6.25
CA LYS A 32 -4.91 -18.41 7.25
C LYS A 32 -6.27 -17.94 6.75
N ASN A 33 -6.32 -16.76 6.14
CA ASN A 33 -7.56 -16.18 5.68
C ASN A 33 -7.91 -16.52 4.24
N LYS A 34 -7.12 -17.39 3.61
CA LYS A 34 -7.34 -17.84 2.22
C LYS A 34 -7.53 -16.64 1.29
N VAL A 35 -6.60 -15.71 1.37
CA VAL A 35 -6.52 -14.54 0.48
C VAL A 35 -5.41 -14.79 -0.52
N GLY A 36 -5.74 -14.80 -1.81
CA GLY A 36 -4.74 -15.10 -2.82
C GLY A 36 -3.67 -14.03 -2.94
N ALA A 37 -2.49 -14.43 -3.39
CA ALA A 37 -1.38 -13.49 -3.46
C ALA A 37 -0.27 -14.09 -4.31
N ILE A 38 0.44 -13.21 -5.01
CA ILE A 38 1.67 -13.54 -5.73
C ILE A 38 2.71 -12.50 -5.35
N ILE A 39 3.81 -12.94 -4.76
CA ILE A 39 4.88 -12.06 -4.33
C ILE A 39 6.17 -12.55 -4.96
N THR A 40 6.69 -11.78 -5.90
CA THR A 40 7.88 -12.17 -6.65
C THR A 40 9.08 -11.37 -6.16
N LEU A 41 10.13 -12.07 -5.75
CA LEU A 41 11.38 -11.44 -5.33
C LEU A 41 12.36 -11.48 -6.49
N GLN A 42 12.66 -10.30 -7.03
CA GLN A 42 13.63 -10.21 -8.11
C GLN A 42 15.03 -10.52 -7.59
N ARG A 43 15.83 -11.20 -8.42
CA ARG A 43 17.21 -11.48 -8.06
C ARG A 43 18.10 -10.87 -9.14
N ASN A 44 18.89 -11.67 -9.85
CA ASN A 44 19.88 -11.08 -10.75
C ASN A 44 19.27 -10.62 -12.07
N ILE A 45 18.21 -11.28 -12.52
CA ILE A 45 17.62 -10.98 -13.81
C ILE A 45 16.50 -9.96 -13.60
N LEU A 46 16.63 -8.80 -14.24
CA LEU A 46 15.66 -7.73 -14.05
C LEU A 46 14.34 -8.08 -14.73
N LEU A 47 13.24 -7.84 -14.01
CA LEU A 47 11.90 -8.22 -14.44
C LEU A 47 11.12 -7.09 -15.12
N ASP A 48 11.73 -5.91 -15.27
CA ASP A 48 10.96 -4.72 -15.65
C ASP A 48 10.31 -4.88 -17.02
N SER A 49 10.94 -5.58 -17.95
CA SER A 49 10.35 -5.81 -19.25
C SER A 49 9.59 -7.13 -19.33
N LEU A 50 9.48 -7.85 -18.22
CA LEU A 50 8.77 -9.13 -18.16
C LEU A 50 7.43 -9.01 -17.46
N ARG A 51 7.01 -7.79 -17.12
CA ARG A 51 5.74 -7.55 -16.46
C ARG A 51 4.97 -6.50 -17.25
N THR A 52 3.64 -6.51 -17.13
CA THR A 52 2.80 -5.56 -17.83
CA THR A 52 2.79 -5.56 -17.82
C THR A 52 1.88 -4.86 -16.83
N ASP A 53 1.74 -3.55 -17.00
CA ASP A 53 0.81 -2.71 -16.22
C ASP A 53 1.16 -2.84 -14.74
N GLY A 54 0.16 -2.70 -13.87
CA GLY A 54 0.40 -2.56 -12.46
C GLY A 54 0.81 -1.14 -12.11
N VAL A 55 1.19 -0.96 -10.86
CA VAL A 55 1.50 0.36 -10.32
C VAL A 55 2.88 0.29 -9.68
N LYS A 56 3.73 1.27 -9.99
CA LYS A 56 5.05 1.35 -9.39
C LYS A 56 4.91 2.15 -8.09
N ILE A 57 4.91 1.44 -6.96
CA ILE A 57 4.71 2.12 -5.67
C ILE A 57 6.02 2.37 -4.95
N ASP A 58 7.07 1.59 -5.23
CA ASP A 58 8.42 1.83 -4.69
C ASP A 58 8.38 2.09 -3.18
N SER A 59 7.70 1.20 -2.47
CA SER A 59 7.46 1.32 -1.03
C SER A 59 8.42 0.46 -0.24
N LEU A 60 8.45 0.68 1.08
CA LEU A 60 9.14 -0.26 1.94
C LEU A 60 8.37 -1.58 1.96
N ILE A 61 9.05 -2.63 2.40
CA ILE A 61 8.43 -3.95 2.54
C ILE A 61 7.87 -4.05 3.94
N ASN A 62 6.56 -4.26 4.04
CA ASN A 62 5.90 -4.28 5.33
C ASN A 62 4.71 -5.21 5.25
N SER A 63 4.54 -6.07 6.26
CA SER A 63 3.50 -7.10 6.17
C SER A 63 2.11 -6.48 6.14
N SER A 64 1.88 -5.43 6.94
CA SER A 64 0.57 -4.78 6.95
C SER A 64 0.25 -4.18 5.59
N LEU A 65 1.25 -3.61 4.92
CA LEU A 65 1.03 -3.07 3.59
C LEU A 65 0.76 -4.18 2.58
N LEU A 66 1.50 -5.28 2.65
CA LEU A 66 1.22 -6.40 1.75
C LEU A 66 -0.20 -6.90 1.94
N ILE A 67 -0.65 -7.02 3.18
CA ILE A 67 -2.01 -7.48 3.44
C ILE A 67 -3.02 -6.53 2.82
N ALA A 68 -2.81 -5.22 3.00
CA ALA A 68 -3.72 -4.25 2.40
C ALA A 68 -3.73 -4.38 0.88
N ILE A 69 -2.57 -4.59 0.26
CA ILE A 69 -2.50 -4.70 -1.20
C ILE A 69 -3.35 -5.87 -1.70
N PHE A 70 -3.30 -7.02 -1.02
CA PHE A 70 -3.96 -8.20 -1.55
C PHE A 70 -5.38 -8.41 -1.03
N GLN A 71 -5.87 -7.54 -0.15
CA GLN A 71 -7.18 -7.79 0.42
C GLN A 71 -8.30 -7.49 -0.59
N LYS A 72 -9.51 -7.88 -0.19
CA LYS A 72 -10.65 -8.07 -1.09
C LYS A 72 -10.98 -6.83 -1.91
N SER A 73 -10.99 -5.66 -1.30
CA SER A 73 -11.43 -4.44 -1.97
CA SER A 73 -11.43 -4.44 -1.98
C SER A 73 -10.26 -3.56 -2.40
N SER A 74 -9.06 -4.10 -2.42
CA SER A 74 -7.92 -3.36 -2.90
C SER A 74 -7.91 -3.37 -4.42
N PRO A 75 -7.85 -2.21 -5.08
CA PRO A 75 -7.69 -2.21 -6.54
C PRO A 75 -6.36 -2.80 -6.98
N LEU A 76 -5.46 -3.12 -6.05
CA LEU A 76 -4.16 -3.68 -6.38
C LEU A 76 -4.07 -5.18 -6.14
N HIS A 77 -5.18 -5.83 -5.77
CA HIS A 77 -5.04 -7.23 -5.38
C HIS A 77 -4.95 -8.17 -6.57
N ASP A 78 -5.27 -7.70 -7.78
CA ASP A 78 -5.20 -8.50 -9.00
C ASP A 78 -3.78 -8.44 -9.55
N GLY A 79 -3.08 -9.55 -9.55
CA GLY A 79 -1.75 -9.59 -10.10
C GLY A 79 -0.69 -9.66 -9.02
N ALA A 80 0.55 -9.38 -9.43
CA ALA A 80 1.70 -9.69 -8.62
C ALA A 80 2.35 -8.44 -8.04
N VAL A 81 2.93 -8.62 -6.87
CA VAL A 81 3.88 -7.68 -6.28
C VAL A 81 5.29 -8.11 -6.69
N ILE A 82 6.14 -7.15 -7.05
CA ILE A 82 7.54 -7.42 -7.32
C ILE A 82 8.37 -6.70 -6.28
N ILE A 83 9.20 -7.47 -5.58
CA ILE A 83 10.12 -6.92 -4.60
C ILE A 83 11.50 -6.83 -5.23
N VAL A 84 12.12 -5.66 -5.13
CA VAL A 84 13.46 -5.41 -5.64
C VAL A 84 14.29 -4.89 -4.48
N ASP A 85 15.40 -5.58 -4.18
CA ASP A 85 16.18 -5.29 -2.99
C ASP A 85 15.26 -5.22 -1.78
N ASP A 86 15.22 -4.07 -1.09
CA ASP A 86 14.41 -3.95 0.11
C ASP A 86 13.13 -3.15 -0.11
N ARG A 87 12.63 -3.11 -1.35
CA ARG A 87 11.44 -2.32 -1.63
C ARG A 87 10.43 -3.14 -2.43
N ILE A 88 9.16 -2.82 -2.23
CA ILE A 88 8.09 -3.28 -3.12
C ILE A 88 8.08 -2.33 -4.31
N LEU A 89 8.56 -2.78 -5.46
CA LEU A 89 8.66 -1.89 -6.61
C LEU A 89 7.32 -1.74 -7.31
N TYR A 90 6.69 -2.86 -7.68
CA TYR A 90 5.40 -2.86 -8.37
C TYR A 90 4.34 -3.62 -7.58
N ALA A 91 3.10 -3.23 -7.77
CA ALA A 91 1.95 -3.98 -7.32
C ALA A 91 0.97 -4.13 -8.48
N SER A 92 0.19 -5.22 -8.42
CA SER A 92 -0.89 -5.48 -9.37
C SER A 92 -0.35 -5.61 -10.81
N THR A 93 0.84 -6.19 -10.95
CA THR A 93 1.44 -6.31 -12.28
C THR A 93 1.28 -7.73 -12.80
N TYR A 94 1.27 -7.87 -14.13
CA TYR A 94 0.95 -9.15 -14.78
C TYR A 94 2.15 -9.72 -15.52
N PHE A 95 2.32 -11.04 -15.40
CA PHE A 95 3.35 -11.79 -16.11
C PHE A 95 2.74 -12.52 -17.30
N SER A 96 3.61 -12.98 -18.19
CA SER A 96 3.20 -13.96 -19.20
C SER A 96 3.08 -15.32 -18.54
N VAL A 97 1.87 -15.90 -18.59
CA VAL A 97 1.62 -17.13 -17.86
C VAL A 97 2.32 -18.30 -18.54
N SER A 98 2.68 -19.30 -17.75
CA SER A 98 3.27 -20.51 -18.29
C SER A 98 2.20 -21.33 -18.98
N GLU A 99 2.48 -21.76 -20.21
CA GLU A 99 1.56 -22.60 -20.96
C GLU A 99 1.65 -24.06 -20.53
N SER A 100 2.47 -24.37 -19.53
CA SER A 100 2.48 -25.71 -18.94
C SER A 100 1.17 -25.95 -18.19
N THR A 101 0.71 -27.20 -18.24
CA THR A 101 -0.55 -27.57 -17.62
C THR A 101 -0.31 -28.02 -16.18
N LEU A 102 -1.14 -27.53 -15.26
CA LEU A 102 -1.03 -27.83 -13.85
C LEU A 102 -2.27 -28.57 -13.37
N GLU A 103 -2.15 -29.14 -12.17
CA GLU A 103 -3.29 -29.82 -11.56
C GLU A 103 -4.42 -28.83 -11.27
N ASP A 104 -5.61 -29.39 -11.03
CA ASP A 104 -6.80 -28.56 -10.84
C ASP A 104 -6.67 -27.69 -9.59
N ARG A 105 -5.90 -28.13 -8.60
CA ARG A 105 -5.71 -27.35 -7.38
C ARG A 105 -4.97 -26.04 -7.63
N TYR A 106 -4.36 -25.87 -8.80
CA TYR A 106 -3.57 -24.69 -9.11
C TYR A 106 -4.30 -23.84 -10.15
N GLY A 107 -4.39 -22.54 -9.88
CA GLY A 107 -5.13 -21.64 -10.75
C GLY A 107 -4.23 -20.68 -11.50
N ALA A 108 -4.78 -19.52 -11.86
CA ALA A 108 -4.05 -18.57 -12.69
C ALA A 108 -2.84 -18.00 -11.95
N ARG A 109 -2.95 -17.80 -10.63
CA ARG A 109 -1.81 -17.29 -9.87
C ARG A 109 -0.60 -18.19 -10.04
N HIS A 110 -0.82 -19.51 -10.03
CA HIS A 110 0.30 -20.45 -10.11
C HIS A 110 0.91 -20.47 -11.50
N ARG A 111 0.06 -20.45 -12.55
CA ARG A 111 0.60 -20.41 -13.90
CA ARG A 111 0.63 -20.42 -13.89
C ARG A 111 1.30 -19.09 -14.18
N ALA A 112 0.90 -18.01 -13.50
CA ALA A 112 1.59 -16.75 -13.67
C ALA A 112 2.94 -16.79 -12.98
N ALA A 113 3.00 -17.35 -11.77
CA ALA A 113 4.28 -17.50 -11.06
C ALA A 113 5.20 -18.44 -11.81
N LEU A 114 4.67 -19.56 -12.31
CA LEU A 114 5.47 -20.46 -13.11
C LEU A 114 6.04 -19.73 -14.32
N GLY A 115 5.25 -18.86 -14.95
CA GLY A 115 5.71 -18.16 -16.13
C GLY A 115 6.89 -17.25 -15.86
N ILE A 116 6.82 -16.48 -14.76
CA ILE A 116 7.92 -15.57 -14.48
C ILE A 116 9.16 -16.34 -14.04
N SER A 117 8.98 -17.47 -13.36
CA SER A 117 10.12 -18.28 -12.95
C SER A 117 10.79 -19.00 -14.13
N GLU A 118 10.11 -19.09 -15.28
CA GLU A 118 10.68 -19.75 -16.45
C GLU A 118 11.58 -18.82 -17.27
N VAL A 119 11.48 -17.51 -17.07
CA VAL A 119 12.26 -16.54 -17.82
C VAL A 119 13.15 -15.68 -16.92
N SER A 120 13.32 -16.08 -15.66
CA SER A 120 14.11 -15.31 -14.71
C SER A 120 14.54 -16.22 -13.57
N ASP A 121 15.45 -15.71 -12.76
CA ASP A 121 15.91 -16.38 -11.55
C ASP A 121 15.15 -15.90 -10.31
N SER A 122 13.99 -15.29 -10.50
CA SER A 122 13.23 -14.76 -9.38
C SER A 122 12.66 -15.91 -8.54
N ILE A 123 12.33 -15.58 -7.31
CA ILE A 123 11.67 -16.50 -6.40
C ILE A 123 10.30 -15.92 -6.08
N THR A 124 9.26 -16.71 -6.29
CA THR A 124 7.89 -16.23 -6.16
C THR A 124 7.16 -17.06 -5.10
N VAL A 125 6.51 -16.35 -4.17
CA VAL A 125 5.61 -16.97 -3.19
C VAL A 125 4.19 -16.81 -3.70
N VAL A 126 3.43 -17.91 -3.71
CA VAL A 126 2.03 -17.89 -4.12
C VAL A 126 1.19 -18.38 -2.95
N VAL A 127 0.13 -17.64 -2.62
CA VAL A 127 -0.89 -18.10 -1.70
C VAL A 127 -2.16 -18.34 -2.51
N SER A 128 -2.70 -19.54 -2.39
CA SER A 128 -3.93 -19.90 -3.09
C SER A 128 -5.14 -19.30 -2.38
N GLU A 129 -6.01 -18.63 -3.13
CA GLU A 129 -7.25 -18.13 -2.54
C GLU A 129 -8.21 -19.25 -2.19
N GLN A 130 -8.21 -20.33 -2.97
CA GLN A 130 -9.15 -21.41 -2.69
C GLN A 130 -8.79 -22.13 -1.39
N SER A 131 -7.53 -22.52 -1.24
CA SER A 131 -7.13 -23.41 -0.16
C SER A 131 -6.23 -22.76 0.88
N GLY A 132 -5.66 -21.60 0.60
CA GLY A 132 -4.65 -21.06 1.47
C GLY A 132 -3.30 -21.75 1.41
N GLU A 133 -3.14 -22.74 0.53
CA GLU A 133 -1.86 -23.40 0.39
C GLU A 133 -0.79 -22.41 -0.09
N VAL A 134 0.43 -22.61 0.38
CA VAL A 134 1.56 -21.76 0.05
C VAL A 134 2.55 -22.60 -0.75
N VAL A 135 3.03 -22.03 -1.87
CA VAL A 135 4.11 -22.65 -2.64
C VAL A 135 5.16 -21.59 -2.93
N ILE A 136 6.40 -22.04 -3.07
CA ILE A 136 7.50 -21.20 -3.50
C ILE A 136 7.91 -21.68 -4.89
N VAL A 137 8.00 -20.74 -5.83
CA VAL A 137 8.17 -21.05 -7.24
C VAL A 137 9.53 -20.52 -7.66
N ARG A 138 10.36 -21.40 -8.21
CA ARG A 138 11.67 -21.00 -8.70
C ARG A 138 12.12 -21.99 -9.76
N ASP A 139 12.68 -21.47 -10.84
CA ASP A 139 13.23 -22.30 -11.92
C ASP A 139 12.20 -23.30 -12.42
N ALA A 140 10.97 -22.80 -12.62
CA ALA A 140 9.87 -23.57 -13.20
C ALA A 140 9.47 -24.76 -12.32
N ASN A 141 9.73 -24.71 -11.02
CA ASN A 141 9.35 -25.77 -10.11
CA ASN A 141 9.36 -25.78 -10.11
C ASN A 141 8.67 -25.21 -8.88
N PHE A 142 7.77 -26.01 -8.30
CA PHE A 142 7.02 -25.65 -7.11
C PHE A 142 7.59 -26.37 -5.89
N PHE A 143 7.70 -25.64 -4.79
CA PHE A 143 7.99 -26.22 -3.49
C PHE A 143 6.80 -25.93 -2.59
N LYS A 144 6.05 -26.98 -2.21
CA LYS A 144 4.96 -26.79 -1.28
C LYS A 144 5.52 -26.46 0.11
N VAL A 145 4.91 -25.49 0.77
CA VAL A 145 5.23 -25.18 2.16
C VAL A 145 4.01 -25.54 3.02
N THR A 146 3.90 -26.82 3.40
CA THR A 146 2.73 -27.25 4.15
C THR A 146 2.77 -26.78 5.60
N ASN A 147 3.94 -26.66 6.18
CA ASN A 147 4.13 -26.16 7.54
C ASN A 147 4.77 -24.78 7.46
N LEU A 148 3.97 -23.74 7.74
CA LEU A 148 4.49 -22.38 7.63
C LEU A 148 5.54 -22.06 8.68
N GLU A 149 5.68 -22.88 9.73
CA GLU A 149 6.76 -22.66 10.67
C GLU A 149 8.14 -22.87 10.03
N THR A 150 8.19 -23.55 8.89
CA THR A 150 9.42 -23.73 8.13
C THR A 150 9.59 -22.66 7.04
N PHE A 151 8.61 -21.76 6.88
CA PHE A 151 8.62 -20.84 5.75
C PHE A 151 9.87 -19.96 5.75
N THR A 152 10.22 -19.42 6.91
CA THR A 152 11.40 -18.56 7.00
C THR A 152 12.68 -19.30 6.62
N GLU A 153 12.84 -20.54 7.09
CA GLU A 153 14.00 -21.34 6.71
C GLU A 153 14.02 -21.59 5.21
N VAL A 154 12.90 -22.06 4.66
CA VAL A 154 12.87 -22.47 3.26
C VAL A 154 13.13 -21.28 2.35
N LEU A 155 12.44 -20.17 2.60
CA LEU A 155 12.59 -19.00 1.73
C LEU A 155 14.01 -18.45 1.79
N THR A 156 14.57 -18.33 3.00
CA THR A 156 15.93 -17.83 3.12
C THR A 156 16.91 -18.72 2.37
N LYS A 157 16.77 -20.03 2.50
CA LYS A 157 17.67 -20.93 1.78
C LYS A 157 17.54 -20.78 0.27
N GLU A 158 16.30 -20.66 -0.22
CA GLU A 158 16.11 -20.46 -1.66
C GLU A 158 16.71 -19.14 -2.12
N LEU A 159 16.56 -18.09 -1.30
CA LEU A 159 17.09 -16.78 -1.64
C LEU A 159 18.61 -16.76 -1.69
N ASN A 160 19.28 -17.71 -1.04
CA ASN A 160 20.74 -17.72 -0.96
C ASN A 160 21.41 -18.79 -1.82
N SER A 161 20.65 -19.67 -2.45
CA SER A 161 21.23 -20.67 -3.35
C SER A 161 20.21 -21.17 -4.36
N SER B 7 8.31 21.84 0.61
CA SER B 7 6.86 21.71 0.66
C SER B 7 6.25 21.76 -0.75
N PHE B 8 4.91 21.77 -0.80
CA PHE B 8 4.19 21.65 -2.07
C PHE B 8 4.62 22.70 -3.06
N VAL B 9 4.75 23.95 -2.61
CA VAL B 9 5.11 25.04 -3.51
C VAL B 9 6.48 24.83 -4.13
N ASP B 10 7.34 24.04 -3.48
CA ASP B 10 8.66 23.76 -4.04
C ASP B 10 8.64 22.71 -5.13
N LEU B 11 7.62 21.85 -5.14
CA LEU B 11 7.61 20.72 -6.06
C LEU B 11 7.41 21.18 -7.50
N GLY B 12 8.01 20.43 -8.43
CA GLY B 12 7.74 20.67 -9.84
C GLY B 12 6.28 20.49 -10.18
N ILE B 13 5.85 21.15 -11.26
CA ILE B 13 4.42 21.20 -11.58
C ILE B 13 3.86 19.82 -11.85
N SER B 14 4.63 18.96 -12.52
CA SER B 14 4.11 17.63 -12.83
C SER B 14 3.92 16.82 -11.55
N THR B 15 4.79 17.02 -10.56
CA THR B 15 4.63 16.35 -9.28
C THR B 15 3.48 16.96 -8.49
N GLN B 16 3.36 18.30 -8.51
CA GLN B 16 2.20 18.95 -7.91
C GLN B 16 0.90 18.39 -8.48
N ARG B 17 0.81 18.32 -9.82
CA ARG B 17 -0.42 17.86 -10.45
C ARG B 17 -0.68 16.38 -10.15
N LYS B 18 0.37 15.56 -10.15
CA LYS B 18 0.22 14.15 -9.84
C LYS B 18 -0.34 13.95 -8.44
N ILE B 19 0.17 14.71 -7.47
CA ILE B 19 -0.27 14.54 -6.08
C ILE B 19 -1.76 14.82 -5.95
N VAL B 20 -2.21 15.94 -6.53
CA VAL B 20 -3.61 16.33 -6.40
CA VAL B 20 -3.62 16.29 -6.37
C VAL B 20 -4.51 15.36 -7.17
N TYR B 21 -4.04 14.89 -8.33
CA TYR B 21 -4.82 13.98 -9.16
C TYR B 21 -5.04 12.64 -8.45
N GLU B 22 -3.98 12.07 -7.88
CA GLU B 22 -4.12 10.79 -7.18
C GLU B 22 -4.98 10.93 -5.93
N LEU B 23 -4.84 12.05 -5.21
CA LEU B 23 -5.71 12.28 -4.06
C LEU B 23 -7.16 12.41 -4.51
N TYR B 24 -7.41 13.14 -5.60
CA TYR B 24 -8.76 13.29 -6.11
C TYR B 24 -9.40 11.95 -6.41
N PHE B 25 -8.67 11.09 -7.15
CA PHE B 25 -9.26 9.80 -7.51
C PHE B 25 -9.47 8.91 -6.29
N ALA B 26 -8.57 8.98 -5.30
CA ALA B 26 -8.79 8.25 -4.06
C ALA B 26 -9.99 8.80 -3.31
N VAL B 27 -10.06 10.12 -3.16
CA VAL B 27 -11.14 10.73 -2.38
C VAL B 27 -12.49 10.50 -3.07
N LYS B 28 -12.51 10.53 -4.40
CA LYS B 28 -13.73 10.24 -5.14
C LYS B 28 -14.26 8.85 -4.80
N TYR B 29 -13.38 7.85 -4.83
CA TYR B 29 -13.80 6.49 -4.47
C TYR B 29 -14.26 6.43 -3.02
N LEU B 30 -13.46 6.99 -2.11
CA LEU B 30 -13.74 6.85 -0.68
C LEU B 30 -15.05 7.52 -0.31
N SER B 31 -15.28 8.72 -0.84
CA SER B 31 -16.55 9.41 -0.59
C SER B 31 -17.72 8.62 -1.16
N LYS B 32 -17.59 8.20 -2.42
CA LYS B 32 -18.69 7.50 -3.10
C LYS B 32 -19.07 6.22 -2.36
N ASN B 33 -18.07 5.53 -1.82
CA ASN B 33 -18.29 4.26 -1.13
C ASN B 33 -18.37 4.42 0.39
N LYS B 34 -18.37 5.66 0.88
CA LYS B 34 -18.53 5.97 2.30
C LYS B 34 -17.48 5.24 3.14
N VAL B 35 -16.24 5.31 2.69
CA VAL B 35 -15.11 4.72 3.40
C VAL B 35 -14.39 5.85 4.14
N GLY B 36 -14.32 5.74 5.46
CA GLY B 36 -13.68 6.78 6.25
C GLY B 36 -12.19 6.86 5.99
N ALA B 37 -11.66 8.07 6.06
CA ALA B 37 -10.24 8.28 5.77
C ALA B 37 -9.76 9.58 6.40
N ILE B 38 -8.50 9.59 6.79
CA ILE B 38 -7.79 10.80 7.19
C ILE B 38 -6.48 10.83 6.42
N ILE B 39 -6.27 11.87 5.61
CA ILE B 39 -5.07 12.00 4.79
C ILE B 39 -4.46 13.38 5.03
N THR B 40 -3.30 13.41 5.69
CA THR B 40 -2.65 14.65 6.10
C THR B 40 -1.44 14.92 5.21
N LEU B 41 -1.39 16.12 4.63
CA LEU B 41 -0.27 16.57 3.81
C LEU B 41 0.63 17.49 4.62
N GLN B 42 1.82 17.01 4.94
CA GLN B 42 2.81 17.83 5.63
C GLN B 42 3.27 18.99 4.75
N ARG B 43 3.51 20.14 5.36
CA ARG B 43 4.06 21.29 4.63
C ARG B 43 5.37 21.68 5.32
N ASN B 44 5.47 22.89 5.87
CA ASN B 44 6.73 23.37 6.41
C ASN B 44 7.00 22.85 7.81
N ILE B 45 5.97 22.57 8.60
CA ILE B 45 6.14 22.05 9.94
C ILE B 45 6.26 20.53 9.86
N LEU B 46 7.38 20.00 10.35
CA LEU B 46 7.59 18.56 10.32
C LEU B 46 6.67 17.89 11.32
N LEU B 47 5.95 16.86 10.86
CA LEU B 47 4.96 16.18 11.68
C LEU B 47 5.53 15.02 12.50
N ASP B 48 6.81 14.69 12.32
CA ASP B 48 7.35 13.46 12.89
C ASP B 48 7.22 13.44 14.39
N SER B 49 7.40 14.57 15.06
CA SER B 49 7.32 14.63 16.51
C SER B 49 5.91 14.85 17.01
N LEU B 50 4.93 15.00 16.12
CA LEU B 50 3.55 15.29 16.51
C LEU B 50 2.62 14.12 16.24
N ARG B 51 3.16 12.94 15.94
CA ARG B 51 2.37 11.74 15.69
C ARG B 51 2.89 10.61 16.56
N THR B 52 2.07 9.58 16.75
CA THR B 52 2.46 8.38 17.48
C THR B 52 2.01 7.16 16.70
N ASP B 53 2.76 6.07 16.88
CA ASP B 53 2.46 4.80 16.21
C ASP B 53 2.43 4.96 14.71
N GLY B 54 1.87 3.98 14.02
CA GLY B 54 1.84 4.01 12.59
C GLY B 54 2.92 3.14 11.98
N VAL B 55 2.85 3.04 10.67
CA VAL B 55 3.72 2.17 9.90
C VAL B 55 4.37 3.03 8.82
N LYS B 56 5.69 2.99 8.74
CA LYS B 56 6.36 3.71 7.66
C LYS B 56 6.21 2.91 6.38
N ILE B 57 5.65 3.55 5.35
CA ILE B 57 5.37 2.93 4.06
CA ILE B 57 5.50 2.82 4.11
C ILE B 57 6.30 3.46 2.98
N ASP B 58 6.49 4.78 2.99
CA ASP B 58 7.37 5.47 2.04
C ASP B 58 7.09 5.06 0.59
N SER B 59 5.82 5.12 0.22
CA SER B 59 5.38 4.74 -1.12
C SER B 59 5.16 5.97 -1.98
N LEU B 60 5.38 5.81 -3.29
CA LEU B 60 4.94 6.84 -4.23
C LEU B 60 3.43 7.01 -4.10
N ILE B 61 2.95 8.25 -4.21
CA ILE B 61 1.53 8.46 -3.99
C ILE B 61 0.77 7.89 -5.18
N ASN B 62 -0.31 7.15 -4.88
CA ASN B 62 -1.09 6.48 -5.91
C ASN B 62 -2.49 6.28 -5.35
N SER B 63 -3.50 6.56 -6.16
CA SER B 63 -4.86 6.50 -5.66
C SER B 63 -5.25 5.07 -5.29
N SER B 64 -4.80 4.07 -6.07
CA SER B 64 -5.16 2.69 -5.78
C SER B 64 -4.65 2.25 -4.42
N LEU B 65 -3.42 2.65 -4.08
CA LEU B 65 -2.85 2.28 -2.78
C LEU B 65 -3.58 2.98 -1.63
N LEU B 66 -3.94 4.25 -1.82
CA LEU B 66 -4.70 4.96 -0.80
C LEU B 66 -6.06 4.33 -0.56
N ILE B 67 -6.73 3.91 -1.64
CA ILE B 67 -8.00 3.21 -1.50
C ILE B 67 -7.81 1.91 -0.74
N ALA B 68 -6.79 1.14 -1.11
CA ALA B 68 -6.51 -0.12 -0.42
C ALA B 68 -6.22 0.10 1.06
N ILE B 69 -5.49 1.17 1.39
CA ILE B 69 -5.10 1.40 2.78
C ILE B 69 -6.32 1.53 3.69
N PHE B 70 -7.37 2.21 3.21
CA PHE B 70 -8.49 2.56 4.08
C PHE B 70 -9.65 1.56 4.05
N GLN B 71 -9.57 0.48 3.28
CA GLN B 71 -10.63 -0.52 3.32
C GLN B 71 -10.72 -1.15 4.71
N LYS B 72 -11.93 -1.60 5.08
CA LYS B 72 -12.10 -2.15 6.42
C LYS B 72 -11.32 -3.43 6.63
N SER B 73 -11.08 -4.20 5.58
CA SER B 73 -10.25 -5.41 5.69
C SER B 73 -8.76 -5.09 5.66
N SER B 74 -8.37 -3.81 5.62
CA SER B 74 -6.96 -3.42 5.65
C SER B 74 -6.51 -3.18 7.08
N PRO B 75 -5.38 -3.75 7.50
CA PRO B 75 -4.87 -3.46 8.84
C PRO B 75 -4.34 -2.04 8.99
N LEU B 76 -4.32 -1.26 7.92
CA LEU B 76 -3.85 0.12 7.96
C LEU B 76 -4.97 1.14 7.96
N HIS B 77 -6.23 0.69 8.07
CA HIS B 77 -7.32 1.63 7.81
C HIS B 77 -7.62 2.55 8.99
N ASP B 78 -7.14 2.23 10.18
CA ASP B 78 -7.35 3.08 11.34
C ASP B 78 -6.21 4.08 11.45
N GLY B 79 -6.52 5.30 11.88
CA GLY B 79 -5.51 6.33 11.95
C GLY B 79 -5.31 7.04 10.63
N ALA B 80 -4.24 7.83 10.59
CA ALA B 80 -4.03 8.77 9.50
C ALA B 80 -2.89 8.35 8.59
N VAL B 81 -3.01 8.74 7.34
CA VAL B 81 -1.93 8.67 6.36
C VAL B 81 -1.23 10.02 6.37
N ILE B 82 0.10 10.00 6.35
CA ILE B 82 0.88 11.23 6.21
C ILE B 82 1.55 11.23 4.85
N ILE B 83 1.31 12.29 4.09
CA ILE B 83 1.94 12.49 2.79
C ILE B 83 3.00 13.55 2.91
N VAL B 84 4.22 13.23 2.48
CA VAL B 84 5.33 14.18 2.41
C VAL B 84 5.76 14.26 0.96
N ASP B 85 5.62 15.44 0.36
CA ASP B 85 5.86 15.66 -1.08
C ASP B 85 5.01 14.63 -1.83
N ASP B 86 5.61 13.82 -2.71
CA ASP B 86 4.82 12.87 -3.49
C ASP B 86 4.89 11.46 -2.90
N ARG B 87 5.09 11.34 -1.60
CA ARG B 87 5.24 10.04 -0.97
C ARG B 87 4.23 9.88 0.16
N ILE B 88 3.56 8.73 0.17
CA ILE B 88 2.78 8.30 1.33
C ILE B 88 3.80 7.78 2.33
N LEU B 89 4.13 8.59 3.33
CA LEU B 89 5.25 8.26 4.21
C LEU B 89 4.81 7.32 5.32
N TYR B 90 3.71 7.65 6.00
CA TYR B 90 3.18 6.88 7.12
C TYR B 90 1.72 6.53 6.87
N ALA B 91 1.31 5.40 7.44
CA ALA B 91 -0.10 5.04 7.53
C ALA B 91 -0.41 4.62 8.96
N SER B 92 -1.68 4.74 9.34
CA SER B 92 -2.15 4.28 10.65
C SER B 92 -1.45 5.01 11.79
N THR B 93 -1.21 6.31 11.62
CA THR B 93 -0.59 7.09 12.67
C THR B 93 -1.64 7.96 13.36
N TYR B 94 -1.34 8.36 14.59
CA TYR B 94 -2.31 9.01 15.45
C TYR B 94 -1.81 10.36 15.92
N PHE B 95 -2.72 11.32 15.98
CA PHE B 95 -2.44 12.69 16.39
C PHE B 95 -3.11 12.97 17.72
N SER B 96 -2.58 13.96 18.44
CA SER B 96 -3.30 14.48 19.59
C SER B 96 -4.57 15.17 19.11
N VAL B 97 -5.73 14.68 19.56
CA VAL B 97 -7.00 15.22 19.09
C VAL B 97 -7.22 16.63 19.64
N SER B 98 -8.02 17.41 18.93
CA SER B 98 -8.37 18.74 19.39
C SER B 98 -9.25 18.65 20.62
N GLU B 99 -9.08 19.64 21.52
CA GLU B 99 -9.96 19.79 22.66
C GLU B 99 -11.23 20.55 22.33
N SER B 100 -11.36 21.05 21.10
CA SER B 100 -12.58 21.76 20.71
C SER B 100 -13.72 20.77 20.49
N THR B 101 -14.94 21.27 20.67
CA THR B 101 -16.15 20.49 20.46
C THR B 101 -16.72 20.80 19.09
N LEU B 102 -17.12 19.75 18.37
CA LEU B 102 -17.65 19.88 17.02
C LEU B 102 -19.13 19.51 16.99
N GLU B 103 -19.79 19.94 15.92
CA GLU B 103 -21.18 19.56 15.69
C GLU B 103 -21.31 18.03 15.69
N ASP B 104 -22.53 17.57 15.97
CA ASP B 104 -22.78 16.14 16.17
C ASP B 104 -22.42 15.31 14.94
N ARG B 105 -22.45 15.92 13.75
CA ARG B 105 -22.21 15.17 12.52
C ARG B 105 -20.74 14.78 12.35
N TYR B 106 -19.85 15.40 13.11
CA TYR B 106 -18.42 15.14 13.02
C TYR B 106 -18.00 14.16 14.11
N GLY B 107 -16.96 13.38 13.81
CA GLY B 107 -16.48 12.37 14.74
C GLY B 107 -15.00 12.46 15.05
N ALA B 108 -14.40 11.35 15.45
CA ALA B 108 -13.02 11.37 15.93
C ALA B 108 -12.04 11.68 14.80
N ARG B 109 -12.32 11.23 13.57
CA ARG B 109 -11.47 11.59 12.44
C ARG B 109 -11.34 13.10 12.31
N HIS B 110 -12.43 13.82 12.54
CA HIS B 110 -12.40 15.27 12.40
C HIS B 110 -11.69 15.92 13.58
N ARG B 111 -11.94 15.42 14.80
CA ARG B 111 -11.22 15.95 15.96
C ARG B 111 -9.73 15.70 15.82
N ALA B 112 -9.33 14.54 15.29
CA ALA B 112 -7.93 14.26 15.04
C ALA B 112 -7.36 15.20 13.98
N ALA B 113 -8.06 15.35 12.86
CA ALA B 113 -7.62 16.30 11.84
C ALA B 113 -7.51 17.71 12.40
N LEU B 114 -8.50 18.11 13.20
CA LEU B 114 -8.46 19.44 13.81
C LEU B 114 -7.24 19.59 14.70
N GLY B 115 -6.95 18.56 15.51
CA GLY B 115 -5.79 18.63 16.40
C GLY B 115 -4.48 18.83 15.66
N ILE B 116 -4.25 18.08 14.58
CA ILE B 116 -2.98 18.23 13.88
C ILE B 116 -2.93 19.57 13.16
N SER B 117 -4.07 20.07 12.69
CA SER B 117 -4.08 21.38 12.02
C SER B 117 -3.85 22.51 13.02
N GLU B 118 -4.07 22.26 14.31
CA GLU B 118 -3.83 23.29 15.33
C GLU B 118 -2.36 23.46 15.65
N VAL B 119 -1.53 22.43 15.44
CA VAL B 119 -0.13 22.49 15.80
C VAL B 119 0.79 22.37 14.59
N SER B 120 0.25 22.53 13.38
CA SER B 120 1.05 22.45 12.17
C SER B 120 0.38 23.28 11.07
N ASP B 121 1.15 23.51 9.99
CA ASP B 121 0.62 24.11 8.78
C ASP B 121 0.20 23.04 7.76
N SER B 122 0.01 21.81 8.21
CA SER B 122 -0.42 20.72 7.35
C SER B 122 -1.85 20.95 6.85
N ILE B 123 -2.19 20.25 5.79
CA ILE B 123 -3.54 20.23 5.24
C ILE B 123 -4.05 18.80 5.30
N THR B 124 -5.21 18.61 5.89
CA THR B 124 -5.75 17.27 6.09
C THR B 124 -7.08 17.13 5.36
N VAL B 125 -7.23 16.01 4.65
CA VAL B 125 -8.48 15.63 4.01
C VAL B 125 -9.15 14.57 4.84
N VAL B 126 -10.41 14.78 5.19
CA VAL B 126 -11.20 13.80 5.94
C VAL B 126 -12.38 13.37 5.07
N VAL B 127 -12.57 12.05 4.98
CA VAL B 127 -13.77 11.48 4.38
C VAL B 127 -14.57 10.82 5.50
N SER B 128 -15.81 11.24 5.67
CA SER B 128 -16.67 10.70 6.72
C SER B 128 -17.15 9.31 6.34
N GLU B 129 -16.99 8.36 7.26
CA GLU B 129 -17.53 7.02 7.04
C GLU B 129 -19.06 7.01 6.97
N GLN B 130 -19.72 7.89 7.73
CA GLN B 130 -21.18 7.86 7.79
C GLN B 130 -21.81 8.36 6.50
N SER B 131 -21.32 9.48 5.97
CA SER B 131 -21.97 10.19 4.88
C SER B 131 -21.16 10.23 3.59
N GLY B 132 -19.87 9.93 3.63
CA GLY B 132 -19.02 10.18 2.50
C GLY B 132 -18.66 11.64 2.31
N GLU B 133 -19.05 12.51 3.24
CA GLU B 133 -18.73 13.92 3.18
C GLU B 133 -17.23 14.13 3.27
N VAL B 134 -16.72 15.06 2.46
CA VAL B 134 -15.30 15.36 2.36
C VAL B 134 -15.08 16.77 2.88
N VAL B 135 -14.15 16.91 3.84
CA VAL B 135 -13.75 18.22 4.34
C VAL B 135 -12.23 18.34 4.25
N ILE B 136 -11.77 19.58 4.05
CA ILE B 136 -10.36 19.90 4.05
C ILE B 136 -10.08 20.73 5.29
N VAL B 137 -9.09 20.33 6.07
CA VAL B 137 -8.82 20.91 7.38
C VAL B 137 -7.47 21.58 7.34
N ARG B 138 -7.43 22.87 7.69
CA ARG B 138 -6.20 23.63 7.74
C ARG B 138 -6.36 24.74 8.75
N ASP B 139 -5.35 24.91 9.60
CA ASP B 139 -5.29 26.05 10.53
C ASP B 139 -6.55 26.13 11.39
N ALA B 140 -6.98 24.98 11.92
CA ALA B 140 -8.14 24.89 12.81
C ALA B 140 -9.43 25.35 12.14
N ASN B 141 -9.51 25.18 10.82
CA ASN B 141 -10.68 25.53 10.03
C ASN B 141 -11.09 24.35 9.17
N PHE B 142 -12.40 24.17 9.00
CA PHE B 142 -12.96 23.20 8.08
C PHE B 142 -13.40 23.89 6.80
N PHE B 143 -13.26 23.19 5.68
CA PHE B 143 -13.80 23.64 4.40
CA PHE B 143 -13.81 23.63 4.41
C PHE B 143 -14.51 22.44 3.78
N LYS B 144 -15.83 22.51 3.67
CA LYS B 144 -16.59 21.43 3.06
C LYS B 144 -16.40 21.44 1.55
N VAL B 145 -16.21 20.26 0.99
CA VAL B 145 -16.13 20.11 -0.47
C VAL B 145 -17.35 19.33 -0.91
N THR B 146 -18.45 20.02 -1.17
CA THR B 146 -19.69 19.34 -1.54
C THR B 146 -19.67 18.88 -2.99
N ASN B 147 -19.04 19.63 -3.88
CA ASN B 147 -18.90 19.27 -5.29
C ASN B 147 -17.46 18.83 -5.53
N LEU B 148 -17.26 17.51 -5.59
CA LEU B 148 -15.91 16.98 -5.75
C LEU B 148 -15.27 17.37 -7.08
N GLU B 149 -16.05 17.87 -8.04
CA GLU B 149 -15.45 18.45 -9.25
C GLU B 149 -14.63 19.70 -8.95
N THR B 150 -14.80 20.29 -7.76
CA THR B 150 -13.97 21.39 -7.32
C THR B 150 -12.83 20.95 -6.40
N PHE B 151 -12.75 19.67 -6.07
CA PHE B 151 -11.75 19.22 -5.10
C PHE B 151 -10.35 19.60 -5.53
N THR B 152 -10.00 19.34 -6.79
CA THR B 152 -8.66 19.63 -7.27
C THR B 152 -8.34 21.12 -7.16
N GLU B 153 -9.32 21.97 -7.47
CA GLU B 153 -9.12 23.41 -7.36
C GLU B 153 -8.94 23.82 -5.90
N VAL B 154 -9.81 23.33 -5.02
CA VAL B 154 -9.78 23.79 -3.63
C VAL B 154 -8.53 23.29 -2.92
N LEU B 155 -8.18 22.02 -3.13
CA LEU B 155 -6.99 21.47 -2.49
C LEU B 155 -5.73 22.22 -2.93
N THR B 156 -5.61 22.47 -4.24
CA THR B 156 -4.42 23.15 -4.75
C THR B 156 -4.31 24.54 -4.15
N LYS B 157 -5.42 25.27 -4.07
CA LYS B 157 -5.41 26.58 -3.42
C LYS B 157 -4.95 26.48 -1.98
N GLU B 158 -5.46 25.50 -1.23
CA GLU B 158 -5.06 25.35 0.17
C GLU B 158 -3.58 25.02 0.29
N LEU B 159 -3.08 24.16 -0.60
CA LEU B 159 -1.67 23.78 -0.54
C LEU B 159 -0.73 24.94 -0.88
N ASN B 160 -1.22 25.94 -1.60
CA ASN B 160 -0.44 27.10 -1.99
C ASN B 160 -0.59 28.30 -1.05
N SER B 161 -1.46 28.21 -0.04
CA SER B 161 -1.70 29.34 0.85
C SER B 161 -0.43 29.75 1.59
PG ATP C . -11.25 -14.30 -13.65
O1G ATP C . -11.20 -12.91 -14.22
O2G ATP C . -12.33 -15.18 -14.22
O3G ATP C . -11.15 -14.30 -12.14
PB ATP C . -8.87 -16.01 -13.53
O1B ATP C . -9.06 -17.36 -14.20
O2B ATP C . -7.48 -15.39 -13.55
O3B ATP C . -9.87 -14.96 -14.24
PA ATP C . -8.50 -17.02 -10.95
O1A ATP C . -8.17 -18.36 -11.57
O2A ATP C . -9.21 -16.96 -9.62
O3A ATP C . -9.36 -16.13 -11.99
O5' ATP C . -7.18 -16.10 -10.90
C5' ATP C . -6.63 -15.77 -9.64
C4' ATP C . -5.67 -14.59 -9.74
O4' ATP C . -4.52 -14.90 -10.53
C3' ATP C . -6.19 -13.31 -10.37
O3' ATP C . -7.04 -12.58 -9.48
C2' ATP C . -4.88 -12.58 -10.57
O2' ATP C . -4.52 -11.90 -9.35
C1' ATP C . -3.84 -13.67 -10.77
N9 ATP C . -3.30 -13.65 -12.14
C8 ATP C . -3.93 -14.16 -13.22
N7 ATP C . -3.18 -13.99 -14.33
C5 ATP C . -2.05 -13.36 -13.97
C6 ATP C . -0.83 -12.89 -14.67
N6 ATP C . -0.69 -13.06 -16.00
N1 ATP C . 0.10 -12.27 -13.92
C2 ATP C . -0.03 -12.11 -12.59
N3 ATP C . -1.11 -12.51 -11.89
C4 ATP C . -2.13 -13.13 -12.53
PB ADP D . -15.77 7.89 15.37
O1B ADP D . -16.87 8.78 16.14
O2B ADP D . -16.47 6.74 14.68
O3B ADP D . -14.91 8.84 14.56
PA ADP D . -13.72 6.20 16.36
O1A ADP D . -12.87 6.09 17.62
O2A ADP D . -14.36 4.94 15.81
O3A ADP D . -14.87 7.30 16.59
O5' ADP D . -12.82 6.83 15.18
C5' ADP D . -12.98 6.36 13.84
C4' ADP D . -11.66 6.50 13.08
O4' ADP D . -10.93 7.66 13.52
C3' ADP D . -10.78 5.29 13.31
O3' ADP D . -10.35 4.81 12.04
C2' ADP D . -9.59 5.82 14.08
O2' ADP D . -8.39 5.15 13.69
C1' ADP D . -9.56 7.30 13.73
N9 ADP D . -8.95 8.06 14.83
C8 ADP D . -9.46 8.19 16.08
N7 ADP D . -8.64 8.94 16.86
C5 ADP D . -7.58 9.29 16.11
C6 ADP D . -6.35 10.08 16.32
N6 ADP D . -6.09 10.65 17.52
N1 ADP D . -5.49 10.21 15.29
C2 ADP D . -5.74 9.65 14.09
N3 ADP D . -6.84 8.92 13.82
C4 ADP D . -7.79 8.70 14.78
#